data_9I08
#
_entry.id   9I08
#
_cell.length_a   36.069
_cell.length_b   67.227
_cell.length_c   43.774
_cell.angle_alpha   90.000
_cell.angle_beta   92.026
_cell.angle_gamma   90.000
#
_symmetry.space_group_name_H-M   'P 1 21 1'
#
loop_
_entity.id
_entity.type
_entity.pdbx_description
1 polymer 'Transit peptide part2 (crTPpart2)'
2 non-polymer 'SULFATE ION'
3 non-polymer 'CHLORIDE ION'
4 non-polymer 1,2-ETHANEDIOL
5 water water
#
_entity_poly.entity_id   1
_entity_poly.type   'polypeptide(L)'
_entity_poly.pdbx_seq_one_letter_code
;MGSSHHHHHHGSGLVPRGSASMSDSEVNQEAKPEVKPEVKPETHINLKVSDGSSEIFFKIKKTTPLRRLMEAFAKRQGKE
MDSLRFLYDGIRIQADQTPEDLDMEDNDIIEAHREQIGGENLYFQGFSADGAPTQPFVPRKGIDKFVVRPAPVGPFQLVS
PGVSEPSTLFLYGEDAYEGEEAWLYGVKLTAEVAVPTGVPGDVLKGKLLRWPSSSVKEKLKAADETYMKEGVKRGVVSVV
LQDGSPEQAYWYFQ
;
_entity_poly.pdbx_strand_id   A,B
#
loop_
_chem_comp.id
_chem_comp.type
_chem_comp.name
_chem_comp.formula
CL non-polymer 'CHLORIDE ION' 'Cl -1'
EDO non-polymer 1,2-ETHANEDIOL 'C2 H6 O2'
SO4 non-polymer 'SULFATE ION' 'O4 S -2'
#
# COMPACT_ATOMS: atom_id res chain seq x y z
N ALA A 132 -16.20 -8.88 15.59
CA ALA A 132 -16.04 -7.66 16.36
C ALA A 132 -14.90 -6.80 15.81
N PRO A 133 -15.01 -6.38 14.55
CA PRO A 133 -13.95 -5.56 13.96
C PRO A 133 -13.83 -4.25 14.72
N THR A 134 -12.61 -3.71 14.76
CA THR A 134 -12.34 -2.47 15.46
C THR A 134 -13.16 -1.32 14.88
N GLN A 135 -13.46 -0.34 15.73
CA GLN A 135 -14.08 0.89 15.26
C GLN A 135 -13.08 1.73 14.45
N PRO A 136 -13.54 2.75 13.74
CA PRO A 136 -12.69 3.42 12.75
C PRO A 136 -11.44 4.04 13.38
N PHE A 137 -10.28 3.71 12.79
CA PHE A 137 -8.99 4.22 13.23
C PHE A 137 -8.65 3.77 14.65
N VAL A 138 -9.16 2.63 15.07
CA VAL A 138 -8.79 2.04 16.37
C VAL A 138 -7.94 0.80 16.10
N PRO A 139 -6.68 0.79 16.52
CA PRO A 139 -5.82 -0.37 16.24
C PRO A 139 -6.18 -1.56 17.12
N ARG A 140 -5.91 -2.76 16.59
CA ARG A 140 -6.17 -4.00 17.33
C ARG A 140 -5.55 -3.97 18.72
N LYS A 141 -4.27 -3.54 18.80
CA LYS A 141 -3.55 -3.56 20.06
C LYS A 141 -3.97 -2.43 20.99
N GLY A 142 -4.93 -1.62 20.60
CA GLY A 142 -5.45 -0.54 21.42
C GLY A 142 -4.66 0.75 21.28
N ILE A 143 -5.32 1.84 21.66
CA ILE A 143 -4.76 3.17 21.54
C ILE A 143 -3.48 3.31 22.35
N ASP A 144 -3.44 2.74 23.56
CA ASP A 144 -2.31 2.98 24.46
C ASP A 144 -0.97 2.67 23.79
N LYS A 145 -0.88 1.56 23.07
CA LYS A 145 0.40 1.21 22.46
C LYS A 145 0.73 2.09 21.27
N PHE A 146 -0.23 2.83 20.74
CA PHE A 146 -0.01 3.73 19.61
C PHE A 146 0.09 5.19 20.01
N VAL A 147 -0.19 5.51 21.28
CA VAL A 147 0.03 6.85 21.80
C VAL A 147 1.48 7.24 21.60
N VAL A 148 1.69 8.40 20.96
CA VAL A 148 3.03 8.95 20.84
C VAL A 148 3.36 9.63 22.16
N ARG A 149 4.54 9.32 22.70
CA ARG A 149 4.93 9.73 24.03
C ARG A 149 6.21 10.54 23.95
N PRO A 150 6.20 11.81 24.34
CA PRO A 150 7.43 12.60 24.28
C PRO A 150 8.42 12.05 25.29
N ALA A 151 9.69 12.19 24.94
CA ALA A 151 10.77 11.71 25.79
C ALA A 151 12.01 12.49 25.44
N PRO A 152 13.04 12.48 26.29
CA PRO A 152 14.20 13.36 26.10
C PRO A 152 14.84 13.27 24.71
N VAL A 153 15.18 12.07 24.25
CA VAL A 153 15.89 11.99 22.97
C VAL A 153 14.93 12.14 21.81
N GLY A 154 13.67 11.75 21.99
CA GLY A 154 12.65 11.91 20.99
C GLY A 154 11.45 11.06 21.32
N PRO A 155 10.35 11.28 20.63
CA PRO A 155 9.10 10.60 20.98
C PRO A 155 9.17 9.12 20.64
N PHE A 156 8.42 8.31 21.38
CA PHE A 156 8.32 6.89 21.11
C PHE A 156 6.86 6.45 21.23
N GLN A 157 6.60 5.26 20.70
CA GLN A 157 5.34 4.54 20.86
C GLN A 157 5.66 3.17 21.42
N LEU A 158 4.75 2.62 22.24
CA LEU A 158 5.07 1.35 22.88
C LEU A 158 4.98 0.19 21.88
N VAL A 159 4.10 0.29 20.89
CA VAL A 159 3.99 -0.78 19.89
C VAL A 159 5.36 -1.00 19.25
N SER A 160 5.69 -2.26 18.97
CA SER A 160 6.95 -2.61 18.32
C SER A 160 6.63 -3.19 16.95
N PRO A 161 6.62 -2.36 15.90
CA PRO A 161 6.11 -2.80 14.59
C PRO A 161 6.81 -4.01 13.99
N GLY A 162 8.02 -4.33 14.41
CA GLY A 162 8.74 -5.43 13.77
C GLY A 162 9.12 -5.13 12.34
N VAL A 163 10.40 -4.81 12.11
CA VAL A 163 10.87 -4.34 10.81
C VAL A 163 10.15 -3.05 10.43
N SER A 164 10.87 -1.95 10.46
CA SER A 164 10.35 -0.66 10.05
C SER A 164 11.08 -0.23 8.79
N GLU A 165 10.34 -0.08 7.69
CA GLU A 165 10.89 0.32 6.39
C GLU A 165 10.01 1.43 5.82
N PRO A 166 9.99 2.58 6.49
CA PRO A 166 9.01 3.63 6.13
C PRO A 166 9.16 4.09 4.69
N SER A 167 8.04 4.16 3.99
CA SER A 167 8.02 4.67 2.62
C SER A 167 6.82 5.60 2.41
N THR A 168 6.36 6.25 3.47
CA THR A 168 5.21 7.13 3.39
C THR A 168 5.47 8.33 4.27
N LEU A 169 4.77 9.43 3.98
CA LEU A 169 4.86 10.67 4.74
C LEU A 169 3.48 11.00 5.32
N PHE A 170 3.43 11.26 6.62
CA PHE A 170 2.19 11.66 7.30
C PHE A 170 2.09 13.18 7.24
N LEU A 171 1.08 13.67 6.55
CA LEU A 171 0.85 15.09 6.41
C LEU A 171 -0.32 15.50 7.30
N TYR A 172 -0.34 16.78 7.68
CA TYR A 172 -1.39 17.28 8.54
C TYR A 172 -1.54 18.78 8.30
N GLY A 173 -2.56 19.36 8.93
CA GLY A 173 -2.78 20.76 8.75
C GLY A 173 -3.18 21.03 7.33
N GLU A 174 -2.97 22.28 6.91
CA GLU A 174 -3.32 22.65 5.54
C GLU A 174 -2.54 21.87 4.50
N ASP A 175 -1.39 21.28 4.88
CA ASP A 175 -0.63 20.48 3.94
C ASP A 175 -1.25 19.11 3.66
N ALA A 176 -2.24 18.69 4.45
CA ALA A 176 -2.93 17.42 4.23
C ALA A 176 -4.15 17.70 3.37
N TYR A 177 -3.97 17.66 2.05
CA TYR A 177 -5.09 17.86 1.14
C TYR A 177 -5.41 16.63 0.31
N GLU A 178 -4.51 15.65 0.23
CA GLU A 178 -4.71 14.43 -0.53
C GLU A 178 -4.09 13.28 0.25
N GLY A 179 -4.40 12.05 -0.16
CA GLY A 179 -3.87 10.86 0.47
C GLY A 179 -4.90 10.18 1.38
N GLU A 180 -4.48 9.06 1.97
CA GLU A 180 -5.37 8.30 2.82
C GLU A 180 -5.40 8.88 4.22
N GLU A 181 -6.60 8.99 4.77
CA GLU A 181 -6.74 9.47 6.12
C GLU A 181 -6.04 8.54 7.09
N ALA A 182 -5.35 9.12 8.07
CA ALA A 182 -4.63 8.33 9.05
C ALA A 182 -4.56 9.15 10.34
N TRP A 183 -4.64 8.47 11.48
CA TRP A 183 -4.61 9.16 12.76
C TRP A 183 -3.34 8.81 13.52
N LEU A 184 -2.84 9.80 14.27
CA LEU A 184 -1.67 9.65 15.13
C LEU A 184 -2.12 9.99 16.55
N TYR A 185 -2.11 8.99 17.42
CA TYR A 185 -2.61 9.21 18.77
C TYR A 185 -1.52 9.80 19.66
N GLY A 186 -1.97 10.55 20.68
CA GLY A 186 -1.00 11.16 21.58
C GLY A 186 -0.32 12.38 21.01
N VAL A 187 -0.87 12.97 19.96
CA VAL A 187 -0.28 14.11 19.27
C VAL A 187 -1.35 15.18 19.12
N LYS A 188 -0.96 16.45 19.26
CA LYS A 188 -1.83 17.60 19.04
C LYS A 188 -1.28 18.46 17.92
N LEU A 189 -2.19 19.07 17.17
CA LEU A 189 -1.88 20.20 16.30
C LEU A 189 -2.74 21.37 16.76
N THR A 190 -2.13 22.33 17.48
CA THR A 190 -2.82 23.55 17.82
C THR A 190 -2.34 24.77 17.05
N ALA A 191 -1.17 24.67 16.43
CA ALA A 191 -0.67 25.70 15.53
C ALA A 191 -0.35 25.09 14.17
N GLU A 192 0.90 25.21 13.71
CA GLU A 192 1.25 24.71 12.39
C GLU A 192 2.17 23.52 12.40
N VAL A 193 2.93 23.30 13.46
CA VAL A 193 3.78 22.13 13.60
C VAL A 193 3.23 21.30 14.75
N ALA A 194 3.05 20.00 14.51
CA ALA A 194 2.45 19.11 15.49
C ALA A 194 3.36 18.91 16.70
N VAL A 195 2.73 18.58 17.83
CA VAL A 195 3.40 18.44 19.11
C VAL A 195 3.07 17.06 19.66
N PRO A 196 4.05 16.18 19.89
CA PRO A 196 3.77 14.97 20.67
C PRO A 196 3.55 15.34 22.14
N THR A 197 2.47 14.80 22.73
CA THR A 197 2.06 15.12 24.09
C THR A 197 1.95 13.90 25.00
N GLY A 198 1.53 12.76 24.47
CA GLY A 198 1.41 11.57 25.30
C GLY A 198 0.09 11.41 26.05
N VAL A 199 -0.98 12.05 25.59
CA VAL A 199 -2.30 11.88 26.18
C VAL A 199 -3.16 11.05 25.23
N PRO A 200 -3.85 10.00 25.71
CA PRO A 200 -4.83 9.31 24.86
C PRO A 200 -6.06 10.14 24.50
N GLY A 201 -6.20 11.36 25.05
CA GLY A 201 -7.21 12.30 24.62
C GLY A 201 -6.79 13.21 23.47
N ASP A 202 -5.50 13.25 23.16
CA ASP A 202 -5.00 14.02 22.02
C ASP A 202 -4.93 13.12 20.80
N VAL A 203 -5.40 13.63 19.66
CA VAL A 203 -5.27 12.93 18.40
C VAL A 203 -5.04 13.94 17.28
N LEU A 204 -4.27 13.50 16.30
CA LEU A 204 -4.00 14.29 15.11
C LEU A 204 -4.46 13.47 13.92
N LYS A 205 -5.34 14.05 13.11
CA LYS A 205 -5.93 13.35 11.98
C LYS A 205 -5.34 13.98 10.72
N GLY A 206 -4.59 13.19 9.98
CA GLY A 206 -3.93 13.72 8.80
C GLY A 206 -4.16 12.78 7.64
N LYS A 207 -3.20 12.80 6.70
CA LYS A 207 -3.30 12.03 5.48
C LYS A 207 -1.94 11.44 5.15
N LEU A 208 -1.96 10.23 4.59
CA LEU A 208 -0.76 9.48 4.28
C LEU A 208 -0.43 9.65 2.80
N LEU A 209 0.76 10.15 2.52
CA LEU A 209 1.27 10.27 1.16
C LEU A 209 2.27 9.13 0.95
N ARG A 210 1.91 8.18 0.07
CA ARG A 210 2.75 7.01 -0.19
C ARG A 210 3.77 7.32 -1.27
N TRP A 211 5.04 7.13 -0.95
CA TRP A 211 6.10 7.39 -1.91
C TRP A 211 6.32 6.16 -2.82
N PRO A 212 6.77 6.36 -4.06
CA PRO A 212 7.18 5.21 -4.86
C PRO A 212 8.31 4.47 -4.14
N SER A 213 8.22 3.14 -4.12
CA SER A 213 9.02 2.37 -3.19
C SER A 213 10.51 2.51 -3.44
N SER A 214 10.91 2.76 -4.68
CA SER A 214 12.32 2.97 -4.97
C SER A 214 12.74 4.44 -4.89
N SER A 215 11.82 5.36 -4.60
CA SER A 215 12.14 6.78 -4.57
C SER A 215 12.27 7.35 -3.15
N VAL A 216 12.33 6.50 -2.13
CA VAL A 216 12.20 6.98 -0.75
C VAL A 216 13.27 8.01 -0.42
N LYS A 217 14.53 7.70 -0.69
CA LYS A 217 15.58 8.67 -0.38
C LYS A 217 15.30 10.01 -1.04
N GLU A 218 14.98 9.98 -2.33
CA GLU A 218 14.74 11.21 -3.08
C GLU A 218 13.60 12.01 -2.47
N LYS A 219 12.49 11.32 -2.13
CA LYS A 219 11.32 12.00 -1.58
C LYS A 219 11.59 12.52 -0.17
N LEU A 220 12.28 11.73 0.65
CA LEU A 220 12.56 12.17 2.02
C LEU A 220 13.51 13.35 2.03
N LYS A 221 14.51 13.35 1.15
CA LYS A 221 15.40 14.49 1.06
C LYS A 221 14.63 15.75 0.69
N ALA A 222 13.75 15.66 -0.31
CA ALA A 222 12.96 16.83 -0.68
C ALA A 222 11.99 17.20 0.44
N ALA A 223 11.37 16.19 1.07
CA ALA A 223 10.50 16.46 2.21
C ALA A 223 11.24 17.25 3.29
N ASP A 224 12.48 16.86 3.60
CA ASP A 224 13.26 17.56 4.63
C ASP A 224 13.40 19.04 4.29
N GLU A 225 13.78 19.37 3.05
CA GLU A 225 13.90 20.78 2.66
C GLU A 225 12.57 21.50 2.81
N THR A 226 11.47 20.82 2.47
CA THR A 226 10.17 21.45 2.44
C THR A 226 9.63 21.72 3.84
N TYR A 227 9.84 20.77 4.77
CA TYR A 227 9.19 20.83 6.07
C TYR A 227 10.14 20.99 7.22
N MET A 228 11.39 20.56 7.09
CA MET A 228 12.31 20.56 8.22
C MET A 228 12.97 21.93 8.40
N LYS A 229 12.12 22.92 8.62
CA LYS A 229 12.56 24.27 8.97
C LYS A 229 13.29 24.23 10.31
N GLU A 230 13.83 25.39 10.69
CA GLU A 230 14.68 25.46 11.86
C GLU A 230 13.88 25.11 13.12
N GLY A 231 14.42 24.20 13.92
CA GLY A 231 13.73 23.71 15.10
C GLY A 231 12.70 22.63 14.85
N VAL A 232 12.43 22.27 13.59
CA VAL A 232 11.49 21.19 13.30
C VAL A 232 12.25 19.88 13.23
N LYS A 233 11.66 18.85 13.81
CA LYS A 233 12.31 17.56 13.90
C LYS A 233 11.60 16.54 13.01
N ARG A 234 12.36 15.54 12.55
CA ARG A 234 11.84 14.43 11.77
C ARG A 234 11.82 13.19 12.62
N GLY A 235 10.78 12.37 12.48
CA GLY A 235 10.76 11.08 13.12
C GLY A 235 10.01 10.07 12.29
N VAL A 236 9.86 8.87 12.85
CA VAL A 236 9.05 7.82 12.26
C VAL A 236 8.03 7.37 13.30
N VAL A 237 6.76 7.27 12.88
CA VAL A 237 5.69 6.90 13.78
C VAL A 237 4.82 5.85 13.11
N SER A 238 4.13 5.08 13.95
CA SER A 238 3.05 4.19 13.51
C SER A 238 1.74 4.98 13.52
N VAL A 239 1.19 5.22 12.33
CA VAL A 239 -0.13 5.84 12.21
C VAL A 239 -1.17 4.73 12.10
N VAL A 240 -2.44 5.08 12.28
CA VAL A 240 -3.54 4.11 12.23
C VAL A 240 -4.47 4.51 11.09
N LEU A 241 -4.82 3.54 10.25
CA LEU A 241 -5.73 3.77 9.12
C LEU A 241 -7.16 3.46 9.52
N GLN A 242 -8.09 3.71 8.59
CA GLN A 242 -9.51 3.56 8.91
C GLN A 242 -9.82 2.17 9.46
N ASP A 243 -9.34 1.12 8.80
CA ASP A 243 -9.66 -0.23 9.25
C ASP A 243 -8.88 -0.65 10.49
N GLY A 244 -8.14 0.26 11.11
CA GLY A 244 -7.38 -0.05 12.30
C GLY A 244 -5.99 -0.56 12.04
N SER A 245 -5.62 -0.77 10.78
CA SER A 245 -4.29 -1.31 10.50
C SER A 245 -3.24 -0.21 10.67
N PRO A 246 -2.05 -0.57 11.12
CA PRO A 246 -1.00 0.42 11.34
C PRO A 246 -0.10 0.54 10.12
N GLU A 247 0.63 1.66 10.06
CA GLU A 247 1.61 1.86 9.02
C GLU A 247 2.72 2.78 9.50
N GLN A 248 3.95 2.48 9.11
CA GLN A 248 5.09 3.31 9.46
C GLN A 248 5.20 4.50 8.52
N ALA A 249 5.39 5.68 9.10
CA ALA A 249 5.43 6.91 8.31
C ALA A 249 6.45 7.86 8.90
N TYR A 250 7.14 8.59 8.04
CA TYR A 250 7.86 9.77 8.48
C TYR A 250 6.88 10.87 8.86
N TRP A 251 7.33 11.74 9.75
CA TRP A 251 6.59 12.94 10.07
C TRP A 251 7.53 13.97 10.65
N TYR A 252 7.09 15.23 10.64
CA TYR A 252 7.83 16.36 11.19
C TYR A 252 7.05 16.93 12.35
N PHE A 253 7.76 17.27 13.42
CA PHE A 253 7.10 17.70 14.65
C PHE A 253 8.05 18.63 15.38
N GLN A 254 7.61 19.18 16.51
CA GLN A 254 8.52 19.98 17.32
C GLN A 254 8.61 19.44 18.74
N GLY B 131 -1.26 -39.58 -9.35
CA GLY B 131 -0.69 -38.37 -8.78
C GLY B 131 0.23 -37.67 -9.76
N ALA B 132 0.23 -36.33 -9.79
CA ALA B 132 1.22 -35.71 -10.67
C ALA B 132 1.68 -34.33 -10.22
N PRO B 133 2.98 -34.10 -10.13
CA PRO B 133 3.49 -32.75 -9.93
C PRO B 133 3.23 -31.90 -11.17
N THR B 134 3.17 -30.58 -10.96
CA THR B 134 2.97 -29.64 -12.06
C THR B 134 4.09 -28.61 -12.09
N GLN B 135 4.22 -27.95 -13.24
CA GLN B 135 5.29 -26.97 -13.37
C GLN B 135 4.93 -25.67 -12.65
N PRO B 136 5.93 -24.93 -12.19
CA PRO B 136 5.66 -23.74 -11.37
C PRO B 136 4.77 -22.74 -12.09
N PHE B 137 3.75 -22.26 -11.37
CA PHE B 137 2.85 -21.21 -11.87
C PHE B 137 2.19 -21.59 -13.20
N VAL B 138 1.94 -22.88 -13.45
CA VAL B 138 1.19 -23.28 -14.64
C VAL B 138 -0.23 -23.66 -14.19
N PRO B 139 -1.25 -22.92 -14.63
CA PRO B 139 -2.62 -23.22 -14.17
C PRO B 139 -3.22 -24.42 -14.90
N ARG B 140 -4.21 -25.03 -14.24
CA ARG B 140 -4.82 -26.23 -14.81
C ARG B 140 -5.50 -25.94 -16.15
N LYS B 141 -6.17 -24.79 -16.27
CA LYS B 141 -6.77 -24.44 -17.55
C LYS B 141 -5.76 -24.06 -18.62
N GLY B 142 -4.46 -24.12 -18.34
CA GLY B 142 -3.50 -23.79 -19.40
C GLY B 142 -3.19 -22.30 -19.46
N ILE B 143 -1.94 -22.01 -19.84
CA ILE B 143 -1.49 -20.62 -19.89
C ILE B 143 -2.36 -19.79 -20.82
N ASP B 144 -2.83 -20.39 -21.93
CA ASP B 144 -3.54 -19.58 -22.94
C ASP B 144 -4.75 -18.85 -22.35
N LYS B 145 -5.50 -19.52 -21.47
CA LYS B 145 -6.67 -18.89 -20.87
C LYS B 145 -6.29 -17.72 -19.96
N PHE B 146 -5.08 -17.73 -19.43
CA PHE B 146 -4.65 -16.73 -18.46
C PHE B 146 -3.85 -15.60 -19.07
N VAL B 147 -3.57 -15.68 -20.37
CA VAL B 147 -2.82 -14.61 -21.04
C VAL B 147 -3.65 -13.34 -21.02
N VAL B 148 -3.07 -12.24 -20.55
CA VAL B 148 -3.76 -10.95 -20.60
C VAL B 148 -3.67 -10.42 -22.02
N ARG B 149 -4.80 -9.99 -22.57
CA ARG B 149 -4.87 -9.58 -23.97
C ARG B 149 -5.33 -8.14 -24.07
N PRO B 150 -4.55 -7.28 -24.73
CA PRO B 150 -4.95 -5.87 -24.87
C PRO B 150 -6.10 -5.71 -25.86
N ALA B 151 -7.01 -4.82 -25.52
CA ALA B 151 -8.22 -4.58 -26.30
C ALA B 151 -8.61 -3.12 -26.17
N PRO B 152 -9.39 -2.59 -27.13
CA PRO B 152 -9.67 -1.14 -27.12
C PRO B 152 -10.23 -0.61 -25.82
N VAL B 153 -11.12 -1.35 -25.15
CA VAL B 153 -11.79 -0.81 -23.97
C VAL B 153 -11.06 -1.19 -22.69
N GLY B 154 -10.09 -2.08 -22.76
CA GLY B 154 -9.43 -2.59 -21.59
C GLY B 154 -9.01 -4.02 -21.82
N PRO B 155 -7.92 -4.43 -21.19
CA PRO B 155 -7.42 -5.80 -21.37
C PRO B 155 -8.37 -6.82 -20.76
N PHE B 156 -8.17 -8.08 -21.15
CA PHE B 156 -9.05 -9.15 -20.71
C PHE B 156 -8.27 -10.47 -20.79
N GLN B 157 -8.81 -11.49 -20.12
CA GLN B 157 -8.32 -12.85 -20.17
C GLN B 157 -9.45 -13.76 -20.60
N LEU B 158 -9.11 -14.83 -21.33
CA LEU B 158 -10.17 -15.72 -21.80
C LEU B 158 -10.81 -16.49 -20.65
N VAL B 159 -10.03 -16.80 -19.61
CA VAL B 159 -10.56 -17.59 -18.51
C VAL B 159 -11.77 -16.88 -17.91
N SER B 160 -12.66 -17.67 -17.32
CA SER B 160 -13.82 -17.13 -16.62
C SER B 160 -13.86 -17.79 -15.25
N PRO B 161 -13.42 -17.09 -14.21
CA PRO B 161 -13.47 -17.68 -12.87
C PRO B 161 -14.91 -17.90 -12.45
N GLY B 162 -15.10 -18.83 -11.53
CA GLY B 162 -16.45 -19.12 -11.07
C GLY B 162 -17.11 -17.88 -10.52
N VAL B 163 -16.69 -17.48 -9.33
CA VAL B 163 -17.07 -16.21 -8.75
C VAL B 163 -15.80 -15.44 -8.44
N SER B 164 -15.82 -14.14 -8.67
CA SER B 164 -14.65 -13.28 -8.53
C SER B 164 -14.98 -12.27 -7.46
N GLU B 165 -14.34 -12.40 -6.30
CA GLU B 165 -14.47 -11.45 -5.18
C GLU B 165 -13.07 -10.95 -4.82
N PRO B 166 -12.44 -10.21 -5.72
CA PRO B 166 -11.02 -9.86 -5.51
C PRO B 166 -10.82 -9.14 -4.18
N SER B 167 -9.81 -9.58 -3.43
CA SER B 167 -9.44 -8.97 -2.16
C SER B 167 -7.92 -8.86 -2.04
N THR B 168 -7.24 -8.84 -3.19
CA THR B 168 -5.78 -8.80 -3.24
C THR B 168 -5.36 -7.79 -4.30
N LEU B 169 -4.18 -7.22 -4.10
CA LEU B 169 -3.54 -6.34 -5.07
C LEU B 169 -2.30 -7.04 -5.62
N PHE B 170 -2.21 -7.10 -6.95
CA PHE B 170 -1.03 -7.66 -7.60
C PHE B 170 -0.02 -6.52 -7.76
N LEU B 171 1.08 -6.60 -7.04
CA LEU B 171 2.13 -5.60 -7.17
C LEU B 171 3.29 -6.17 -7.99
N TYR B 172 4.00 -5.27 -8.68
CA TYR B 172 5.10 -5.69 -9.55
C TYR B 172 6.16 -4.61 -9.53
N GLY B 173 7.27 -4.90 -10.19
CA GLY B 173 8.31 -3.91 -10.23
C GLY B 173 8.94 -3.73 -8.86
N GLU B 174 9.48 -2.54 -8.61
CA GLU B 174 10.06 -2.25 -7.32
C GLU B 174 9.00 -2.13 -6.22
N ASP B 175 7.72 -1.97 -6.57
CA ASP B 175 6.66 -1.97 -5.58
C ASP B 175 6.43 -3.34 -4.94
N ALA B 176 6.94 -4.40 -5.56
CA ALA B 176 6.73 -5.77 -5.10
C ALA B 176 7.93 -6.16 -4.24
N TYR B 177 7.80 -5.98 -2.93
CA TYR B 177 8.87 -6.39 -2.01
C TYR B 177 8.36 -7.27 -0.88
N GLU B 178 7.09 -7.65 -0.90
CA GLU B 178 6.50 -8.50 0.13
C GLU B 178 5.21 -9.06 -0.45
N GLY B 179 4.77 -10.19 0.11
CA GLY B 179 3.63 -10.92 -0.38
C GLY B 179 4.04 -12.17 -1.16
N GLU B 180 3.04 -12.98 -1.50
CA GLU B 180 3.32 -14.24 -2.15
C GLU B 180 3.54 -14.03 -3.64
N GLU B 181 4.51 -14.76 -4.20
CA GLU B 181 4.80 -14.65 -5.63
C GLU B 181 3.61 -15.08 -6.47
N ALA B 182 3.37 -14.35 -7.55
CA ALA B 182 2.28 -14.67 -8.46
C ALA B 182 2.66 -14.17 -9.84
N TRP B 183 2.28 -14.92 -10.87
CA TRP B 183 2.62 -14.58 -12.24
C TRP B 183 1.38 -14.12 -13.00
N LEU B 184 1.58 -13.15 -13.88
CA LEU B 184 0.57 -12.62 -14.77
C LEU B 184 1.06 -12.82 -16.20
N TYR B 185 0.39 -13.69 -16.93
CA TYR B 185 0.82 -14.04 -18.29
C TYR B 185 0.33 -12.99 -19.30
N GLY B 186 1.15 -12.77 -20.33
CA GLY B 186 0.76 -11.83 -21.35
C GLY B 186 0.98 -10.37 -21.01
N VAL B 187 1.98 -10.06 -20.19
CA VAL B 187 2.16 -8.72 -19.67
C VAL B 187 3.65 -8.39 -19.69
N LYS B 188 3.99 -7.19 -20.16
CA LYS B 188 5.36 -6.75 -20.32
C LYS B 188 5.62 -5.58 -19.36
N LEU B 189 6.74 -5.64 -18.62
CA LEU B 189 7.16 -4.53 -17.77
C LEU B 189 8.53 -4.04 -18.23
N THR B 190 8.54 -2.93 -18.96
CA THR B 190 9.78 -2.32 -19.43
C THR B 190 10.27 -1.27 -18.44
N ALA B 191 9.37 -0.37 -18.02
CA ALA B 191 9.72 0.69 -17.09
C ALA B 191 8.99 0.46 -15.76
N GLU B 192 7.98 1.27 -15.48
CA GLU B 192 7.36 1.24 -14.16
C GLU B 192 5.93 0.76 -14.17
N VAL B 193 5.21 0.93 -15.27
CA VAL B 193 3.81 0.53 -15.38
C VAL B 193 3.71 -0.56 -16.43
N ALA B 194 3.13 -1.70 -16.04
CA ALA B 194 2.98 -2.85 -16.93
C ALA B 194 2.10 -2.55 -18.13
N VAL B 195 2.37 -3.26 -19.22
CA VAL B 195 1.63 -3.13 -20.46
C VAL B 195 1.09 -4.51 -20.85
N PRO B 196 -0.21 -4.67 -20.99
CA PRO B 196 -0.74 -5.94 -21.51
C PRO B 196 -0.28 -6.14 -22.96
N THR B 197 0.19 -7.35 -23.26
CA THR B 197 0.65 -7.67 -24.60
C THR B 197 -0.06 -8.83 -25.26
N GLY B 198 -0.67 -9.74 -24.50
CA GLY B 198 -1.29 -10.90 -25.13
C GLY B 198 -0.31 -11.91 -25.66
N VAL B 199 0.96 -11.77 -25.30
CA VAL B 199 2.02 -12.67 -25.75
C VAL B 199 2.33 -13.60 -24.59
N PRO B 200 2.17 -14.92 -24.75
CA PRO B 200 2.32 -15.82 -23.59
C PRO B 200 3.72 -15.81 -23.01
N GLY B 201 4.74 -15.57 -23.83
CA GLY B 201 6.10 -15.47 -23.32
C GLY B 201 6.43 -14.18 -22.56
N ASP B 202 5.50 -13.23 -22.50
CA ASP B 202 5.63 -12.08 -21.61
C ASP B 202 5.00 -12.46 -20.27
N VAL B 203 5.83 -12.80 -19.29
CA VAL B 203 5.35 -13.23 -17.98
C VAL B 203 5.88 -12.25 -16.96
N LEU B 204 4.98 -11.46 -16.38
CA LEU B 204 5.31 -10.51 -15.32
C LEU B 204 5.15 -11.21 -13.98
N LYS B 205 6.26 -11.33 -13.26
CA LYS B 205 6.28 -11.90 -11.93
C LYS B 205 6.11 -10.76 -10.92
N GLY B 206 5.14 -10.90 -10.03
CA GLY B 206 4.93 -9.91 -9.00
C GLY B 206 4.67 -10.56 -7.66
N LYS B 207 4.07 -9.81 -6.75
CA LYS B 207 3.69 -10.34 -5.45
C LYS B 207 2.28 -9.88 -5.13
N LEU B 208 1.58 -10.71 -4.37
CA LEU B 208 0.21 -10.44 -3.97
C LEU B 208 0.20 -9.79 -2.60
N LEU B 209 -0.51 -8.68 -2.48
CA LEU B 209 -0.85 -8.07 -1.22
C LEU B 209 -2.31 -8.45 -0.93
N ARG B 210 -2.52 -9.24 0.11
CA ARG B 210 -3.88 -9.69 0.45
C ARG B 210 -4.47 -8.75 1.49
N TRP B 211 -5.54 -8.08 1.11
CA TRP B 211 -6.21 -7.09 1.95
C TRP B 211 -7.07 -7.80 3.01
N PRO B 212 -7.17 -7.23 4.22
CA PRO B 212 -8.12 -7.77 5.19
C PRO B 212 -9.50 -7.80 4.57
N SER B 213 -10.23 -8.91 4.82
CA SER B 213 -11.37 -9.24 3.99
C SER B 213 -12.46 -8.17 4.01
N SER B 214 -12.63 -7.46 5.13
CA SER B 214 -13.67 -6.45 5.22
C SER B 214 -13.19 -5.06 4.80
N SER B 215 -11.92 -4.89 4.43
CA SER B 215 -11.36 -3.58 4.14
C SER B 215 -11.18 -3.33 2.65
N VAL B 216 -11.75 -4.18 1.79
CA VAL B 216 -11.38 -4.11 0.38
C VAL B 216 -11.72 -2.73 -0.19
N LYS B 217 -12.93 -2.23 0.09
CA LYS B 217 -13.30 -0.90 -0.41
C LYS B 217 -12.26 0.14 -0.03
N GLU B 218 -11.97 0.24 1.26
CA GLU B 218 -11.01 1.21 1.76
C GLU B 218 -9.62 0.98 1.17
N LYS B 219 -9.20 -0.27 1.01
CA LYS B 219 -7.86 -0.51 0.45
C LYS B 219 -7.82 -0.15 -1.03
N LEU B 220 -8.86 -0.51 -1.78
CA LEU B 220 -8.88 -0.18 -3.20
C LEU B 220 -8.91 1.32 -3.42
N LYS B 221 -9.73 2.04 -2.66
CA LYS B 221 -9.78 3.49 -2.79
C LYS B 221 -8.40 4.10 -2.56
N ALA B 222 -7.71 3.64 -1.53
CA ALA B 222 -6.37 4.14 -1.27
C ALA B 222 -5.38 3.70 -2.35
N ALA B 223 -5.41 2.43 -2.73
CA ALA B 223 -4.56 2.01 -3.85
C ALA B 223 -4.82 2.86 -5.10
N ASP B 224 -6.07 3.28 -5.33
CA ASP B 224 -6.38 4.06 -6.53
C ASP B 224 -5.62 5.39 -6.54
N GLU B 225 -5.59 6.10 -5.42
CA GLU B 225 -4.82 7.34 -5.39
C GLU B 225 -3.33 7.09 -5.30
N THR B 226 -2.91 5.93 -4.79
CA THR B 226 -1.48 5.62 -4.75
C THR B 226 -0.94 5.33 -6.14
N TYR B 227 -1.71 4.62 -6.98
CA TYR B 227 -1.19 4.09 -8.24
C TYR B 227 -1.89 4.61 -9.47
N MET B 228 -3.17 4.93 -9.40
CA MET B 228 -3.93 5.33 -10.57
C MET B 228 -3.59 6.76 -10.96
N LYS B 229 -2.30 7.03 -11.14
CA LYS B 229 -1.86 8.35 -11.57
C LYS B 229 -2.29 8.59 -13.02
N GLU B 230 -2.05 9.80 -13.49
CA GLU B 230 -2.59 10.22 -14.79
C GLU B 230 -2.15 9.26 -15.89
N GLY B 231 -3.12 8.62 -16.54
CA GLY B 231 -2.86 7.65 -17.58
C GLY B 231 -2.81 6.20 -17.09
N VAL B 232 -2.75 5.97 -15.80
CA VAL B 232 -2.74 4.60 -15.29
C VAL B 232 -4.18 4.12 -15.14
N LYS B 233 -4.42 2.88 -15.55
CA LYS B 233 -5.74 2.29 -15.48
C LYS B 233 -5.72 1.16 -14.46
N ARG B 234 -6.92 0.82 -13.97
CA ARG B 234 -7.11 -0.24 -12.98
C ARG B 234 -7.96 -1.35 -13.57
N GLY B 235 -7.65 -2.59 -13.24
CA GLY B 235 -8.46 -3.71 -13.66
C GLY B 235 -8.38 -4.87 -12.70
N VAL B 236 -9.01 -6.00 -13.06
CA VAL B 236 -8.93 -7.25 -12.30
C VAL B 236 -8.40 -8.33 -13.21
N VAL B 237 -7.45 -9.11 -12.70
CA VAL B 237 -6.78 -10.17 -13.45
C VAL B 237 -6.75 -11.43 -12.61
N SER B 238 -6.77 -12.57 -13.30
CA SER B 238 -6.45 -13.86 -12.69
C SER B 238 -4.92 -14.04 -12.75
N VAL B 239 -4.27 -14.03 -11.58
CA VAL B 239 -2.86 -14.37 -11.47
C VAL B 239 -2.74 -15.85 -11.09
N VAL B 240 -1.55 -16.41 -11.29
CA VAL B 240 -1.30 -17.81 -10.97
C VAL B 240 -0.23 -17.90 -9.89
N LEU B 241 -0.50 -18.72 -8.87
CA LEU B 241 0.40 -18.94 -7.76
C LEU B 241 1.36 -20.08 -8.06
N GLN B 242 2.40 -20.24 -7.23
CA GLN B 242 3.44 -21.21 -7.52
C GLN B 242 2.88 -22.60 -7.81
N ASP B 243 1.87 -23.03 -7.04
CA ASP B 243 1.28 -24.35 -7.22
C ASP B 243 0.26 -24.41 -8.36
N GLY B 244 0.10 -23.36 -9.14
CA GLY B 244 -0.81 -23.38 -10.26
C GLY B 244 -2.19 -22.88 -9.95
N SER B 245 -2.53 -22.68 -8.69
CA SER B 245 -3.87 -22.21 -8.36
C SER B 245 -3.99 -20.74 -8.78
N PRO B 246 -5.16 -20.33 -9.25
CA PRO B 246 -5.36 -18.95 -9.67
C PRO B 246 -5.96 -18.12 -8.54
N GLU B 247 -5.72 -16.82 -8.63
CA GLU B 247 -6.28 -15.88 -7.67
C GLU B 247 -6.67 -14.60 -8.37
N GLN B 248 -7.80 -14.04 -7.97
CA GLN B 248 -8.25 -12.76 -8.52
C GLN B 248 -7.60 -11.61 -7.77
N ALA B 249 -7.11 -10.63 -8.53
CA ALA B 249 -6.40 -9.51 -7.93
C ALA B 249 -6.67 -8.26 -8.76
N TYR B 250 -6.70 -7.11 -8.07
CA TYR B 250 -6.65 -5.83 -8.74
C TYR B 250 -5.24 -5.55 -9.24
N TRP B 251 -5.14 -4.80 -10.35
CA TRP B 251 -3.85 -4.34 -10.80
C TRP B 251 -4.01 -3.01 -11.52
N TYR B 252 -2.86 -2.35 -11.72
CA TYR B 252 -2.74 -1.08 -12.41
C TYR B 252 -1.80 -1.25 -13.60
N PHE B 253 -2.19 -0.68 -14.73
CA PHE B 253 -1.45 -0.88 -15.97
C PHE B 253 -1.64 0.35 -16.85
N GLN B 254 -0.84 0.43 -17.90
CA GLN B 254 -1.00 1.54 -18.86
C GLN B 254 -1.32 1.05 -20.28
S SO4 C . 24.70 16.37 1.13
O1 SO4 C . 25.19 17.17 2.30
O2 SO4 C . 24.90 17.16 -0.12
O3 SO4 C . 25.47 15.09 1.06
O4 SO4 C . 23.25 16.05 1.30
CL CL D . 3.81 25.96 14.91
CL CL E . -11.96 15.70 15.15
S SO4 F . -2.08 -23.86 -23.47
O1 SO4 F . -3.31 -24.13 -22.64
O2 SO4 F . -2.31 -24.34 -24.88
O3 SO4 F . -1.81 -22.38 -23.46
O4 SO4 F . -0.89 -24.58 -22.88
C1 EDO G . 11.32 -17.31 -9.36
O1 EDO G . 10.04 -17.56 -9.89
C2 EDO G . 12.07 -16.34 -10.24
O2 EDO G . 13.32 -16.89 -10.63
H11 EDO G . 11.84 -18.13 -9.29
H12 EDO G . 11.26 -16.93 -8.47
HO1 EDO G . 9.61 -16.81 -9.93
H21 EDO G . 12.18 -15.51 -9.74
H22 EDO G . 11.51 -16.14 -11.00
HO2 EDO G . 13.77 -17.04 -9.93
#